data_6MP1
#
_entry.id   6MP1
#
_cell.length_a   52.569
_cell.length_b   68.329
_cell.length_c   117.787
_cell.angle_alpha   90.00
_cell.angle_beta   90.00
_cell.angle_gamma   90.00
#
_symmetry.space_group_name_H-M   'P 21 21 21'
#
loop_
_entity.id
_entity.type
_entity.pdbx_description
1 polymer 'TRP1-K8 peptide, Beta-2-microglobulin,H-2 class I histocompatibility antigen, D-B alpha chain, chimeric construct'
2 non-polymer 2-acetamido-2-deoxy-beta-D-glucopyranose
3 water water
#
_entity_poly.entity_id   1
_entity_poly.type   'polypeptide(L)'
_entity_poly.pdbx_seq_one_letter_code
;TAPDNLGKMGGGGSGGGGSGGGGSIQKTPQIQVYSRHPPENGKPNILNCYVTQFHPPHIEIQMLKNGKKIPKVEMSDMSF
SKDWSFYILAHTEFTPTETDTYACRVKHASMAEPKTVYWDRDMGGGGSGGGGSGGGGSGGGGSGPHSMRYFETAVSRPGL
EEPRYISVGYVDNKEFVRFDSDAENPRYEPRAPWMEQEGPEYWERETQKAKGQEQWFRVSLRNLLGAYNQSAGGSHTLQQ
MSGCDLGSDWRLLRGYLQFAYEGRDYIALNEDLKTWTAADMAAQITRRKWEQSGAAEHYKAYLEGECVEWLHRYLKNGNA
TLLRTDSPKAHVTHHPRSKGEVTLRCWALGFYPADITLTWQLNGEELTQDMELVETRPAGDGTFQKWASVVVPLGKEQNY
TCRVYHEGLPEPLTLRWEPAAAGGGLNDIFEAQKIEWHEHHHHHHHH
;
_entity_poly.pdbx_strand_id   A
#
loop_
_chem_comp.id
_chem_comp.type
_chem_comp.name
_chem_comp.formula
NAG D-saccharide, beta linking 2-acetamido-2-deoxy-beta-D-glucopyranose 'C8 H15 N O6'
#
# COMPACT_ATOMS: atom_id res chain seq x y z
N THR A 1 -9.31 0.41 15.85
CA THR A 1 -10.36 -0.53 16.22
C THR A 1 -10.99 -1.13 14.97
N ALA A 2 -11.04 -2.45 14.91
CA ALA A 2 -11.49 -3.15 13.72
C ALA A 2 -13.02 -3.14 13.62
N PRO A 3 -13.56 -3.22 12.40
CA PRO A 3 -15.02 -3.27 12.26
C PRO A 3 -15.55 -4.64 12.64
N ASP A 4 -16.88 -4.72 12.71
CA ASP A 4 -17.60 -5.91 13.19
C ASP A 4 -18.77 -6.16 12.25
N ASN A 5 -18.66 -7.17 11.40
CA ASN A 5 -19.65 -7.41 10.35
C ASN A 5 -20.93 -8.02 10.91
N LEU A 6 -22.05 -7.74 10.23
CA LEU A 6 -23.35 -8.21 10.64
C LEU A 6 -23.82 -9.29 9.66
N GLY A 7 -24.73 -8.99 8.75
CA GLY A 7 -25.28 -10.03 7.88
C GLY A 7 -24.28 -10.47 6.82
N LYS A 8 -24.40 -11.73 6.45
CA LYS A 8 -23.45 -12.36 5.54
C LYS A 8 -23.89 -12.22 4.08
N MET A 9 -23.00 -12.62 3.18
CA MET A 9 -23.30 -12.54 1.75
C MET A 9 -24.45 -13.47 1.40
N GLY A 10 -25.27 -13.05 0.45
CA GLY A 10 -26.39 -13.84 -0.02
C GLY A 10 -25.97 -15.00 -0.90
N ILE A 25 -9.37 -14.95 -13.33
CA ILE A 25 -9.15 -13.52 -13.13
C ILE A 25 -7.80 -13.29 -12.45
N GLN A 26 -6.81 -12.86 -13.23
CA GLN A 26 -5.46 -12.67 -12.72
C GLN A 26 -4.90 -11.36 -13.26
N LYS A 27 -4.05 -10.72 -12.44
CA LYS A 27 -3.38 -9.49 -12.80
C LYS A 27 -1.89 -9.65 -12.53
N THR A 28 -1.08 -9.36 -13.55
CA THR A 28 0.36 -9.62 -13.47
C THR A 28 1.06 -8.53 -12.67
N PRO A 29 2.02 -8.92 -11.82
CA PRO A 29 2.65 -7.93 -10.94
C PRO A 29 3.56 -6.98 -11.69
N GLN A 30 3.74 -5.78 -11.11
CA GLN A 30 4.75 -4.83 -11.53
C GLN A 30 5.85 -4.81 -10.47
N ILE A 31 7.10 -4.81 -10.93
CA ILE A 31 8.25 -4.96 -10.05
C ILE A 31 9.16 -3.74 -10.20
N GLN A 32 9.54 -3.17 -9.06
CA GLN A 32 10.55 -2.12 -9.01
C GLN A 32 11.64 -2.52 -8.03
N VAL A 33 12.89 -2.28 -8.42
CA VAL A 33 14.06 -2.65 -7.62
C VAL A 33 14.93 -1.41 -7.45
N TYR A 34 15.21 -1.04 -6.20
CA TYR A 34 15.89 0.21 -5.91
C TYR A 34 16.50 0.15 -4.52
N SER A 35 17.42 1.06 -4.27
CA SER A 35 18.08 1.18 -2.98
C SER A 35 17.56 2.40 -2.21
N ARG A 36 17.68 2.33 -0.88
CA ARG A 36 17.23 3.44 -0.03
C ARG A 36 18.08 4.68 -0.24
N HIS A 37 19.39 4.52 -0.27
CA HIS A 37 20.33 5.60 -0.48
C HIS A 37 20.99 5.47 -1.84
N PRO A 38 21.57 6.55 -2.37
CA PRO A 38 22.42 6.43 -3.56
C PRO A 38 23.55 5.44 -3.29
N PRO A 39 23.74 4.46 -4.19
CA PRO A 39 24.71 3.39 -3.91
C PRO A 39 26.14 3.90 -3.94
N GLU A 40 26.87 3.62 -2.87
CA GLU A 40 28.30 3.86 -2.79
C GLU A 40 28.99 2.54 -2.47
N ASN A 41 30.05 2.23 -3.21
CA ASN A 41 30.72 0.94 -3.03
C ASN A 41 31.33 0.83 -1.65
N GLY A 42 31.02 -0.26 -0.96
CA GLY A 42 31.55 -0.53 0.35
C GLY A 42 30.82 0.10 1.51
N LYS A 43 29.67 0.76 1.26
CA LYS A 43 28.92 1.39 2.32
C LYS A 43 27.56 0.73 2.50
N PRO A 44 27.09 0.57 3.74
CA PRO A 44 25.81 -0.12 3.98
C PRO A 44 24.65 0.58 3.29
N ASN A 45 23.62 -0.21 2.97
CA ASN A 45 22.45 0.30 2.26
C ASN A 45 21.31 -0.71 2.44
N ILE A 46 20.17 -0.39 1.84
CA ILE A 46 19.01 -1.28 1.83
C ILE A 46 18.56 -1.45 0.39
N LEU A 47 18.37 -2.69 -0.04
CA LEU A 47 17.84 -3.00 -1.36
C LEU A 47 16.36 -3.36 -1.25
N ASN A 48 15.54 -2.73 -2.09
CA ASN A 48 14.10 -2.93 -2.06
C ASN A 48 13.62 -3.60 -3.35
N CYS A 49 12.63 -4.49 -3.21
CA CYS A 49 11.91 -5.04 -4.35
C CYS A 49 10.41 -4.81 -4.08
N TYR A 50 9.85 -3.84 -4.78
CA TYR A 50 8.48 -3.37 -4.55
C TYR A 50 7.59 -3.95 -5.64
N VAL A 51 6.72 -4.88 -5.26
CA VAL A 51 5.85 -5.59 -6.20
C VAL A 51 4.41 -5.15 -5.94
N THR A 52 3.72 -4.72 -7.00
CA THR A 52 2.39 -4.16 -6.87
C THR A 52 1.47 -4.70 -7.97
N GLN A 53 0.17 -4.48 -7.76
CA GLN A 53 -0.86 -4.62 -8.77
C GLN A 53 -1.08 -6.06 -9.23
N PHE A 54 -0.92 -7.02 -8.33
CA PHE A 54 -1.10 -8.42 -8.69
C PHE A 54 -2.30 -9.02 -7.98
N HIS A 55 -2.81 -10.11 -8.55
CA HIS A 55 -3.92 -10.86 -7.99
C HIS A 55 -3.99 -12.23 -8.65
N PRO A 56 -4.15 -13.33 -7.89
CA PRO A 56 -4.39 -13.49 -6.44
C PRO A 56 -3.20 -13.09 -5.57
N PRO A 57 -3.40 -13.01 -4.24
CA PRO A 57 -2.32 -12.49 -3.38
C PRO A 57 -1.15 -13.42 -3.18
N HIS A 58 -1.29 -14.73 -3.41
CA HIS A 58 -0.15 -15.62 -3.20
C HIS A 58 0.95 -15.28 -4.19
N ILE A 59 2.19 -15.18 -3.69
CA ILE A 59 3.32 -14.77 -4.50
C ILE A 59 4.59 -15.24 -3.79
N GLU A 60 5.64 -15.49 -4.57
CA GLU A 60 6.92 -15.96 -4.05
C GLU A 60 8.02 -15.08 -4.59
N ILE A 61 8.79 -14.46 -3.68
CA ILE A 61 9.77 -13.45 -4.04
C ILE A 61 11.12 -13.87 -3.47
N GLN A 62 12.16 -13.81 -4.31
CA GLN A 62 13.53 -14.05 -3.88
C GLN A 62 14.40 -12.90 -4.34
N MET A 63 15.37 -12.52 -3.51
CA MET A 63 16.36 -11.52 -3.86
C MET A 63 17.71 -12.20 -4.05
N LEU A 64 18.41 -11.83 -5.11
CA LEU A 64 19.60 -12.55 -5.57
C LEU A 64 20.81 -11.64 -5.63
N LYS A 65 21.95 -12.16 -5.19
CA LYS A 65 23.25 -11.51 -5.35
C LYS A 65 24.15 -12.44 -6.15
N ASN A 66 24.53 -12.00 -7.35
CA ASN A 66 25.33 -12.81 -8.27
C ASN A 66 24.69 -14.18 -8.50
N GLY A 67 23.36 -14.19 -8.58
CA GLY A 67 22.62 -15.42 -8.78
C GLY A 67 22.41 -16.25 -7.53
N LYS A 68 22.89 -15.81 -6.38
CA LYS A 68 22.72 -16.53 -5.12
C LYS A 68 21.59 -15.90 -4.32
N LYS A 69 20.74 -16.75 -3.74
CA LYS A 69 19.65 -16.28 -2.89
C LYS A 69 20.20 -15.52 -1.70
N ILE A 70 19.69 -14.32 -1.47
CA ILE A 70 20.10 -13.52 -0.32
C ILE A 70 19.31 -13.96 0.90
N PRO A 71 19.96 -14.24 2.04
CA PRO A 71 19.23 -14.67 3.22
C PRO A 71 18.65 -13.50 4.01
N LYS A 72 17.66 -13.83 4.83
CA LYS A 72 17.00 -12.87 5.73
C LYS A 72 16.46 -11.66 4.95
N VAL A 73 15.48 -11.94 4.09
CA VAL A 73 14.74 -10.93 3.37
C VAL A 73 13.44 -10.65 4.11
N GLU A 74 13.21 -9.39 4.48
CA GLU A 74 12.00 -9.00 5.18
C GLU A 74 10.89 -8.68 4.19
N MET A 75 9.65 -8.93 4.61
CA MET A 75 8.48 -8.76 3.75
C MET A 75 7.41 -7.95 4.48
N SER A 76 6.84 -6.96 3.79
CA SER A 76 5.67 -6.24 4.27
C SER A 76 4.44 -6.76 3.52
N ASP A 77 3.52 -7.37 4.24
CA ASP A 77 2.59 -8.33 3.67
C ASP A 77 1.16 -7.81 3.61
N MET A 78 0.45 -8.21 2.55
CA MET A 78 -1.00 -8.36 2.54
C MET A 78 -1.76 -7.03 2.57
N SER A 79 -1.15 -5.95 2.08
CA SER A 79 -1.91 -4.74 1.84
C SER A 79 -2.48 -4.78 0.43
N PHE A 80 -3.53 -4.00 0.19
CA PHE A 80 -4.03 -3.86 -1.17
C PHE A 80 -4.56 -2.45 -1.37
N SER A 81 -4.76 -2.09 -2.63
CA SER A 81 -5.11 -0.74 -3.02
C SER A 81 -6.62 -0.62 -3.27
N LYS A 82 -7.04 0.59 -3.65
CA LYS A 82 -8.44 0.87 -3.90
C LYS A 82 -9.03 -0.07 -4.95
N ASP A 83 -8.24 -0.48 -5.94
CA ASP A 83 -8.72 -1.35 -7.00
C ASP A 83 -8.62 -2.83 -6.65
N TRP A 84 -8.26 -3.14 -5.40
CA TRP A 84 -8.22 -4.46 -4.77
C TRP A 84 -6.95 -5.25 -5.09
N SER A 85 -6.05 -4.75 -5.94
CA SER A 85 -4.83 -5.49 -6.24
C SER A 85 -3.83 -5.32 -5.10
N PHE A 86 -2.95 -6.29 -4.96
CA PHE A 86 -2.14 -6.43 -3.75
C PHE A 86 -0.77 -5.78 -3.88
N TYR A 87 -0.29 -5.25 -2.75
CA TYR A 87 1.06 -4.72 -2.59
C TYR A 87 1.92 -5.69 -1.81
N ILE A 88 3.23 -5.64 -2.04
CA ILE A 88 4.18 -6.26 -1.13
C ILE A 88 5.55 -5.63 -1.33
N LEU A 89 6.29 -5.49 -0.24
CA LEU A 89 7.63 -4.93 -0.24
C LEU A 89 8.59 -5.94 0.36
N ALA A 90 9.59 -6.34 -0.41
CA ALA A 90 10.70 -7.16 0.08
C ALA A 90 11.94 -6.30 0.13
N HIS A 91 12.65 -6.33 1.25
CA HIS A 91 13.83 -5.50 1.41
C HIS A 91 14.84 -6.22 2.31
N THR A 92 16.11 -5.93 2.07
CA THR A 92 17.20 -6.48 2.86
C THR A 92 18.36 -5.50 2.85
N GLU A 93 19.05 -5.41 3.98
CA GLU A 93 20.26 -4.61 4.03
C GLU A 93 21.36 -5.29 3.21
N PHE A 94 22.18 -4.48 2.55
CA PHE A 94 23.28 -5.02 1.76
C PHE A 94 24.35 -3.96 1.59
N THR A 95 25.56 -4.42 1.28
CA THR A 95 26.69 -3.54 0.98
C THR A 95 27.17 -3.86 -0.43
N PRO A 96 26.87 -3.02 -1.42
CA PRO A 96 27.25 -3.34 -2.80
C PRO A 96 28.69 -3.02 -3.10
N THR A 97 29.24 -3.75 -4.07
CA THR A 97 30.54 -3.45 -4.65
C THR A 97 30.37 -3.28 -6.16
N GLU A 98 31.46 -2.88 -6.81
CA GLU A 98 31.37 -2.40 -8.19
C GLU A 98 30.92 -3.49 -9.16
N THR A 99 31.27 -4.74 -8.92
CA THR A 99 31.06 -5.81 -9.89
C THR A 99 29.85 -6.70 -9.56
N ASP A 100 29.30 -6.60 -8.36
CA ASP A 100 28.19 -7.47 -7.98
C ASP A 100 26.95 -7.14 -8.80
N THR A 101 26.14 -8.17 -9.07
CA THR A 101 24.85 -8.01 -9.72
C THR A 101 23.76 -8.42 -8.74
N TYR A 102 22.65 -7.67 -8.73
CA TYR A 102 21.55 -7.90 -7.80
C TYR A 102 20.24 -7.96 -8.57
N ALA A 103 19.34 -8.85 -8.15
CA ALA A 103 18.07 -9.05 -8.86
C ALA A 103 16.98 -9.41 -7.87
N CYS A 104 15.74 -9.36 -8.37
CA CYS A 104 14.56 -9.80 -7.65
C CYS A 104 13.79 -10.76 -8.54
N ARG A 105 13.47 -11.94 -8.02
CA ARG A 105 12.83 -13.00 -8.79
C ARG A 105 11.45 -13.27 -8.19
N VAL A 106 10.42 -13.16 -9.01
CA VAL A 106 9.02 -13.21 -8.55
C VAL A 106 8.29 -14.33 -9.29
N LYS A 107 7.66 -15.22 -8.52
CA LYS A 107 6.81 -16.29 -9.04
C LYS A 107 5.36 -15.95 -8.74
N HIS A 108 4.54 -15.86 -9.80
CA HIS A 108 3.12 -15.57 -9.63
C HIS A 108 2.32 -16.33 -10.68
N ALA A 109 1.11 -16.73 -10.30
CA ALA A 109 0.29 -17.58 -11.16
C ALA A 109 -0.11 -16.90 -12.46
N SER A 110 0.01 -15.57 -12.54
CA SER A 110 -0.32 -14.84 -13.76
C SER A 110 0.77 -14.92 -14.82
N MET A 111 1.93 -15.48 -14.49
CA MET A 111 3.06 -15.52 -15.40
C MET A 111 3.46 -16.97 -15.67
N ALA A 112 3.76 -17.28 -16.93
CA ALA A 112 4.15 -18.63 -17.28
C ALA A 112 5.42 -19.05 -16.56
N GLU A 113 6.36 -18.13 -16.37
CA GLU A 113 7.62 -18.48 -15.75
C GLU A 113 8.02 -17.40 -14.77
N PRO A 114 8.98 -17.64 -13.87
CA PRO A 114 9.40 -16.58 -12.95
C PRO A 114 9.96 -15.37 -13.69
N LYS A 115 9.75 -14.20 -13.09
CA LYS A 115 10.23 -12.94 -13.64
C LYS A 115 11.38 -12.44 -12.79
N THR A 116 12.53 -12.20 -13.43
CA THR A 116 13.69 -11.65 -12.77
C THR A 116 13.88 -10.21 -13.21
N VAL A 117 14.00 -9.30 -12.24
CA VAL A 117 14.26 -7.88 -12.51
C VAL A 117 15.56 -7.50 -11.81
N TYR A 118 16.48 -6.92 -12.57
CA TYR A 118 17.81 -6.62 -12.07
C TYR A 118 17.88 -5.18 -11.55
N TRP A 119 18.67 -4.97 -10.51
CA TRP A 119 18.87 -3.64 -9.94
C TRP A 119 19.76 -2.83 -10.87
N ASP A 120 19.21 -1.76 -11.44
CA ASP A 120 19.97 -0.80 -12.21
C ASP A 120 20.36 0.35 -11.29
N ARG A 121 21.66 0.61 -11.17
CA ARG A 121 22.17 1.64 -10.27
C ARG A 121 21.80 3.04 -10.74
N ASP A 122 21.14 3.14 -11.89
CA ASP A 122 20.70 4.42 -12.42
C ASP A 122 19.17 4.51 -12.43
N GLY A 140 -2.36 9.60 4.69
CA GLY A 140 -1.62 10.84 4.71
C GLY A 140 -0.49 10.87 5.73
N GLY A 141 -0.60 11.77 6.70
CA GLY A 141 0.40 11.91 7.73
C GLY A 141 0.88 13.33 7.87
N GLY A 142 1.84 13.53 8.78
CA GLY A 142 2.39 14.84 9.03
C GLY A 142 1.39 15.82 9.61
N SER A 143 1.15 16.92 8.90
CA SER A 143 0.18 17.92 9.31
C SER A 143 -1.05 17.95 8.42
N GLY A 144 -1.11 17.12 7.38
CA GLY A 144 -2.21 17.11 6.46
C GLY A 144 -3.37 16.27 6.95
N PRO A 145 -4.07 15.61 6.03
CA PRO A 145 -5.17 14.72 6.41
C PRO A 145 -4.64 13.43 7.02
N HIS A 146 -5.56 12.70 7.65
CA HIS A 146 -5.23 11.42 8.25
C HIS A 146 -6.34 10.44 7.97
N SER A 147 -5.99 9.14 7.98
CA SER A 147 -6.94 8.10 7.65
C SER A 147 -6.59 6.83 8.42
N MET A 148 -7.61 6.01 8.65
CA MET A 148 -7.42 4.65 9.16
C MET A 148 -8.04 3.68 8.16
N ARG A 149 -7.46 2.49 8.06
CA ARG A 149 -7.95 1.47 7.15
C ARG A 149 -7.74 0.10 7.79
N TYR A 150 -8.69 -0.80 7.56
CA TYR A 150 -8.49 -2.22 7.83
C TYR A 150 -8.65 -2.95 6.51
N PHE A 151 -7.60 -3.67 6.10
CA PHE A 151 -7.59 -4.46 4.89
C PHE A 151 -7.76 -5.92 5.30
N GLU A 152 -8.90 -6.51 4.96
CA GLU A 152 -9.22 -7.87 5.38
C GLU A 152 -9.35 -8.75 4.14
N THR A 153 -8.68 -9.90 4.17
CA THR A 153 -8.65 -10.83 3.06
C THR A 153 -8.80 -12.24 3.57
N ALA A 154 -9.72 -12.99 2.97
CA ALA A 154 -9.83 -14.43 3.19
C ALA A 154 -9.60 -15.14 1.86
N VAL A 155 -8.76 -16.17 1.91
CA VAL A 155 -8.41 -16.95 0.73
C VAL A 155 -8.73 -18.40 1.03
N SER A 156 -9.60 -19.01 0.23
CA SER A 156 -9.89 -20.43 0.38
C SER A 156 -8.76 -21.25 -0.23
N ARG A 157 -8.38 -22.31 0.47
CA ARG A 157 -7.29 -23.14 0.00
C ARG A 157 -7.79 -24.54 -0.33
N PRO A 158 -7.33 -25.11 -1.44
CA PRO A 158 -7.96 -26.37 -1.91
C PRO A 158 -7.63 -27.58 -1.06
N GLY A 159 -6.39 -27.70 -0.60
CA GLY A 159 -6.00 -28.85 0.20
C GLY A 159 -6.35 -28.77 1.67
N LEU A 160 -6.77 -27.60 2.15
CA LEU A 160 -7.10 -27.39 3.55
C LEU A 160 -8.57 -27.05 3.71
N GLU A 161 -9.06 -27.22 4.93
CA GLU A 161 -10.47 -27.02 5.24
C GLU A 161 -10.85 -25.55 5.26
N GLU A 162 -10.38 -24.82 6.27
CA GLU A 162 -10.74 -23.43 6.47
C GLU A 162 -9.92 -22.52 5.56
N PRO A 163 -10.47 -21.35 5.21
CA PRO A 163 -9.67 -20.36 4.49
C PRO A 163 -8.69 -19.66 5.42
N ARG A 164 -7.64 -19.11 4.84
CA ARG A 164 -6.72 -18.27 5.58
C ARG A 164 -7.27 -16.85 5.63
N TYR A 165 -7.41 -16.31 6.83
CA TYR A 165 -7.97 -14.98 7.05
C TYR A 165 -6.89 -14.07 7.63
N ILE A 166 -6.64 -12.95 6.97
CA ILE A 166 -5.65 -11.98 7.42
C ILE A 166 -6.31 -10.61 7.50
N SER A 167 -5.97 -9.85 8.54
CA SER A 167 -6.44 -8.48 8.73
C SER A 167 -5.24 -7.60 9.02
N VAL A 168 -5.07 -6.54 8.22
CA VAL A 168 -4.01 -5.57 8.45
C VAL A 168 -4.64 -4.20 8.66
N GLY A 169 -4.30 -3.57 9.78
CA GLY A 169 -4.76 -2.22 10.08
C GLY A 169 -3.68 -1.19 9.79
N TYR A 170 -4.10 -0.07 9.22
CA TYR A 170 -3.20 1.00 8.80
C TYR A 170 -3.66 2.33 9.38
N VAL A 171 -2.70 3.13 9.82
CA VAL A 171 -2.92 4.53 10.17
C VAL A 171 -1.93 5.35 9.34
N ASP A 172 -2.45 6.14 8.41
CA ASP A 172 -1.65 7.06 7.60
C ASP A 172 -0.48 6.34 6.93
N ASN A 173 -0.80 5.28 6.19
CA ASN A 173 0.16 4.49 5.41
C ASN A 173 1.15 3.73 6.29
N LYS A 174 0.83 3.51 7.56
CA LYS A 174 1.71 2.82 8.49
C LYS A 174 0.94 1.67 9.13
N GLU A 175 1.38 0.44 8.88
CA GLU A 175 0.75 -0.73 9.48
C GLU A 175 0.89 -0.65 11.00
N PHE A 176 -0.22 -0.88 11.71
CA PHE A 176 -0.17 -0.82 13.18
C PHE A 176 -0.74 -2.04 13.88
N VAL A 177 -1.59 -2.85 13.25
CA VAL A 177 -2.07 -4.11 13.84
C VAL A 177 -2.18 -5.17 12.74
N ARG A 178 -2.13 -6.44 13.16
CA ARG A 178 -2.26 -7.54 12.22
C ARG A 178 -2.84 -8.77 12.92
N PHE A 179 -3.77 -9.45 12.24
CA PHE A 179 -4.29 -10.76 12.62
C PHE A 179 -4.06 -11.73 11.46
N ASP A 180 -3.56 -12.92 11.76
CA ASP A 180 -3.28 -13.93 10.75
C ASP A 180 -3.77 -15.27 11.28
N SER A 181 -4.73 -15.89 10.59
CA SER A 181 -5.30 -17.14 11.08
C SER A 181 -4.32 -18.31 10.94
N ASP A 182 -3.27 -18.18 10.14
CA ASP A 182 -2.27 -19.23 10.05
C ASP A 182 -1.33 -19.26 11.25
N ALA A 183 -1.44 -18.32 12.18
CA ALA A 183 -0.63 -18.37 13.39
C ALA A 183 -1.09 -19.50 14.29
N GLU A 184 -0.13 -20.13 14.98
CA GLU A 184 -0.47 -21.24 15.87
C GLU A 184 -1.44 -20.80 16.96
N ASN A 185 -1.37 -19.54 17.36
CA ASN A 185 -2.34 -18.94 18.29
C ASN A 185 -2.78 -17.62 17.68
N PRO A 186 -3.80 -17.63 16.83
CA PRO A 186 -4.18 -16.40 16.11
C PRO A 186 -4.67 -15.34 17.07
N ARG A 187 -4.24 -14.10 16.82
CA ARG A 187 -4.44 -13.00 17.75
C ARG A 187 -4.00 -11.72 17.06
N TYR A 188 -4.72 -10.63 17.29
CA TYR A 188 -4.26 -9.33 16.83
C TYR A 188 -2.96 -8.98 17.56
N GLU A 189 -1.97 -8.52 16.79
CA GLU A 189 -0.67 -8.20 17.35
C GLU A 189 -0.30 -6.76 16.99
N PRO A 190 0.41 -6.06 17.89
CA PRO A 190 0.87 -4.71 17.55
C PRO A 190 1.96 -4.76 16.49
N ARG A 191 1.88 -3.81 15.55
CA ARG A 191 2.85 -3.71 14.47
C ARG A 191 3.57 -2.37 14.46
N ALA A 192 3.29 -1.50 15.43
CA ALA A 192 3.96 -0.23 15.59
C ALA A 192 4.26 -0.04 17.07
N PRO A 193 5.40 0.56 17.41
CA PRO A 193 5.81 0.63 18.82
C PRO A 193 4.86 1.44 19.70
N TRP A 194 4.08 2.35 19.15
CA TRP A 194 3.16 3.12 19.97
C TRP A 194 1.88 2.37 20.28
N MET A 195 1.71 1.15 19.77
CA MET A 195 0.58 0.32 20.16
C MET A 195 0.87 -0.57 21.36
N GLU A 196 2.13 -0.67 21.78
CA GLU A 196 2.46 -1.38 23.01
C GLU A 196 1.74 -0.77 24.21
N GLN A 197 1.30 0.48 24.08
CA GLN A 197 0.61 1.19 25.16
C GLN A 197 -0.73 0.58 25.51
N GLU A 198 -1.37 -0.13 24.57
CA GLU A 198 -2.70 -0.67 24.81
C GLU A 198 -2.63 -1.86 25.75
N GLY A 199 -3.54 -1.89 26.75
CA GLY A 199 -3.59 -2.95 27.70
C GLY A 199 -4.13 -4.24 27.10
N PRO A 200 -4.15 -5.30 27.91
CA PRO A 200 -4.56 -6.61 27.39
C PRO A 200 -6.03 -6.67 26.99
N GLU A 201 -6.90 -5.92 27.65
CA GLU A 201 -8.31 -5.93 27.29
C GLU A 201 -8.54 -5.37 25.88
N TYR A 202 -7.69 -4.44 25.45
CA TYR A 202 -7.75 -4.00 24.05
C TYR A 202 -7.52 -5.18 23.11
N TRP A 203 -6.43 -5.92 23.32
CA TRP A 203 -6.06 -6.99 22.40
C TRP A 203 -7.07 -8.12 22.44
N GLU A 204 -7.58 -8.45 23.62
CA GLU A 204 -8.61 -9.47 23.73
C GLU A 204 -9.87 -9.06 22.98
N ARG A 205 -10.26 -7.78 23.10
CA ARG A 205 -11.47 -7.30 22.45
C ARG A 205 -11.31 -7.28 20.93
N GLU A 206 -10.15 -6.83 20.44
CA GLU A 206 -9.92 -6.83 19.00
C GLU A 206 -9.85 -8.26 18.45
N THR A 207 -9.15 -9.15 19.16
CA THR A 207 -9.02 -10.53 18.70
C THR A 207 -10.38 -11.20 18.58
N GLN A 208 -11.28 -10.96 19.53
CA GLN A 208 -12.60 -11.57 19.46
C GLN A 208 -13.36 -11.09 18.22
N LYS A 209 -13.21 -9.81 17.86
CA LYS A 209 -13.76 -9.32 16.60
C LYS A 209 -13.18 -10.08 15.41
N ALA A 210 -11.87 -10.30 15.41
CA ALA A 210 -11.22 -11.00 14.31
C ALA A 210 -11.78 -12.41 14.13
N LYS A 211 -11.95 -13.14 15.23
CA LYS A 211 -12.51 -14.49 15.14
C LYS A 211 -13.93 -14.45 14.60
N GLY A 212 -14.72 -13.45 15.00
CA GLY A 212 -16.02 -13.25 14.37
C GLY A 212 -15.91 -13.04 12.88
N GLN A 213 -15.00 -12.15 12.45
CA GLN A 213 -14.79 -11.91 11.02
C GLN A 213 -14.39 -13.19 10.31
N GLU A 214 -13.55 -14.00 10.93
CA GLU A 214 -13.09 -15.23 10.29
C GLU A 214 -14.25 -16.15 9.94
N GLN A 215 -15.21 -16.30 10.86
CA GLN A 215 -16.39 -17.11 10.57
C GLN A 215 -17.25 -16.45 9.49
N TRP A 216 -17.41 -15.12 9.57
CA TRP A 216 -18.19 -14.38 8.57
C TRP A 216 -17.62 -14.59 7.17
N PHE A 217 -16.30 -14.43 7.02
CA PHE A 217 -15.67 -14.63 5.70
C PHE A 217 -15.81 -16.06 5.24
N ARG A 218 -15.67 -17.02 6.17
CA ARG A 218 -15.72 -18.43 5.79
C ARG A 218 -17.09 -18.82 5.24
N VAL A 219 -18.17 -18.42 5.93
CA VAL A 219 -19.49 -18.77 5.43
C VAL A 219 -19.81 -17.95 4.18
N SER A 220 -19.32 -16.72 4.08
CA SER A 220 -19.57 -15.91 2.89
C SER A 220 -18.90 -16.52 1.66
N LEU A 221 -17.65 -16.96 1.80
CA LEU A 221 -16.97 -17.65 0.71
C LEU A 221 -17.80 -18.83 0.22
N ARG A 222 -18.41 -19.59 1.14
CA ARG A 222 -19.23 -20.73 0.74
C ARG A 222 -20.49 -20.30 0.01
N ASN A 223 -21.15 -19.24 0.48
CA ASN A 223 -22.31 -18.72 -0.23
C ASN A 223 -21.91 -18.22 -1.62
N LEU A 224 -20.82 -17.47 -1.70
CA LEU A 224 -20.37 -16.91 -2.97
C LEU A 224 -20.01 -17.99 -3.98
N LEU A 225 -19.48 -19.12 -3.51
CA LEU A 225 -19.14 -20.20 -4.44
C LEU A 225 -20.38 -20.72 -5.16
N GLY A 226 -21.52 -20.78 -4.45
CA GLY A 226 -22.76 -21.17 -5.09
C GLY A 226 -23.36 -20.05 -5.93
N ALA A 227 -23.32 -18.82 -5.41
CA ALA A 227 -23.94 -17.69 -6.10
C ALA A 227 -23.37 -17.49 -7.50
N TYR A 228 -22.09 -17.79 -7.69
CA TYR A 228 -21.45 -17.70 -9.00
C TYR A 228 -21.26 -19.06 -9.65
N ASN A 229 -21.81 -20.12 -9.05
CA ASN A 229 -21.88 -21.44 -9.66
C ASN A 229 -20.48 -21.96 -10.03
N GLN A 230 -19.57 -21.92 -9.07
CA GLN A 230 -18.19 -22.33 -9.26
C GLN A 230 -17.97 -23.73 -8.70
N SER A 231 -16.76 -24.25 -8.91
CA SER A 231 -16.42 -25.61 -8.48
C SER A 231 -15.86 -25.63 -7.05
N SER A 235 -8.78 -21.73 -6.17
CA SER A 235 -8.66 -20.77 -5.07
C SER A 235 -9.64 -19.62 -5.28
N HIS A 236 -10.04 -18.98 -4.18
CA HIS A 236 -10.99 -17.89 -4.23
C HIS A 236 -10.63 -16.85 -3.18
N THR A 237 -11.03 -15.60 -3.42
CA THR A 237 -10.61 -14.47 -2.62
C THR A 237 -11.82 -13.61 -2.27
N LEU A 238 -11.91 -13.22 -1.00
CA LEU A 238 -12.92 -12.27 -0.54
C LEU A 238 -12.20 -11.18 0.24
N GLN A 239 -12.46 -9.92 -0.10
CA GLN A 239 -11.77 -8.79 0.50
C GLN A 239 -12.77 -7.80 1.09
N GLN A 240 -12.38 -7.18 2.19
CA GLN A 240 -13.11 -6.08 2.77
C GLN A 240 -12.11 -4.96 3.08
N MET A 241 -12.53 -3.72 2.83
CA MET A 241 -11.79 -2.55 3.26
C MET A 241 -12.73 -1.62 4.00
N SER A 242 -12.35 -1.20 5.20
CA SER A 242 -13.14 -0.28 6.01
C SER A 242 -12.23 0.78 6.57
N GLY A 243 -12.78 1.97 6.78
CA GLY A 243 -11.98 3.02 7.39
C GLY A 243 -12.65 4.37 7.30
N CYS A 244 -12.00 5.34 7.95
CA CYS A 244 -12.46 6.71 8.00
C CYS A 244 -11.33 7.63 7.58
N ASP A 245 -11.68 8.70 6.89
CA ASP A 245 -10.75 9.76 6.52
C ASP A 245 -10.99 10.97 7.41
N LEU A 246 -9.91 11.56 7.92
CA LEU A 246 -9.98 12.82 8.65
C LEU A 246 -9.22 13.90 7.89
N GLY A 247 -9.59 15.14 8.16
CA GLY A 247 -8.89 16.29 7.62
C GLY A 247 -7.80 16.77 8.55
N SER A 248 -7.35 18.01 8.33
CA SER A 248 -6.40 18.61 9.24
C SER A 248 -7.05 18.96 10.58
N ASP A 249 -8.35 19.23 10.58
CA ASP A 249 -9.08 19.48 11.81
C ASP A 249 -9.44 18.19 12.55
N TRP A 250 -9.06 17.04 12.00
CA TRP A 250 -9.28 15.72 12.60
C TRP A 250 -10.75 15.35 12.72
N ARG A 251 -11.62 16.02 11.98
CA ARG A 251 -13.03 15.65 11.94
C ARG A 251 -13.32 14.80 10.71
N LEU A 252 -14.36 13.97 10.80
CA LEU A 252 -14.66 12.99 9.78
C LEU A 252 -14.92 13.64 8.43
N LEU A 253 -14.14 13.23 7.42
CA LEU A 253 -14.37 13.63 6.03
C LEU A 253 -15.20 12.61 5.28
N ARG A 254 -14.89 11.33 5.44
CA ARG A 254 -15.61 10.29 4.72
C ARG A 254 -15.32 8.94 5.37
N GLY A 255 -16.30 8.05 5.28
CA GLY A 255 -16.14 6.68 5.72
C GLY A 255 -16.31 5.71 4.58
N TYR A 256 -15.69 4.55 4.70
CA TYR A 256 -15.72 3.53 3.66
C TYR A 256 -16.08 2.18 4.26
N LEU A 257 -16.81 1.38 3.49
CA LEU A 257 -17.01 -0.03 3.79
C LEU A 257 -17.36 -0.72 2.48
N GLN A 258 -16.41 -1.50 1.95
CA GLN A 258 -16.53 -2.05 0.60
C GLN A 258 -16.00 -3.47 0.59
N PHE A 259 -16.57 -4.28 -0.32
CA PHE A 259 -16.21 -5.68 -0.45
C PHE A 259 -15.89 -6.01 -1.91
N ALA A 260 -15.03 -7.01 -2.10
CA ALA A 260 -14.72 -7.54 -3.42
C ALA A 260 -14.66 -9.05 -3.38
N TYR A 261 -15.11 -9.68 -4.46
CA TYR A 261 -14.97 -11.11 -4.66
C TYR A 261 -14.12 -11.33 -5.90
N GLU A 262 -13.11 -12.21 -5.76
CA GLU A 262 -12.16 -12.51 -6.83
C GLU A 262 -11.46 -11.25 -7.36
N GLY A 263 -11.29 -10.25 -6.50
CA GLY A 263 -10.62 -9.03 -6.91
C GLY A 263 -11.45 -8.09 -7.75
N ARG A 264 -12.78 -8.19 -7.69
CA ARG A 264 -13.67 -7.33 -8.44
C ARG A 264 -14.76 -6.82 -7.50
N ASP A 265 -15.19 -5.58 -7.73
CA ASP A 265 -16.22 -4.96 -6.89
C ASP A 265 -17.41 -5.90 -6.71
N TYR A 266 -17.86 -6.02 -5.46
CA TYR A 266 -19.08 -6.76 -5.16
C TYR A 266 -20.16 -5.84 -4.62
N ILE A 267 -19.94 -5.22 -3.45
CA ILE A 267 -20.88 -4.28 -2.87
C ILE A 267 -20.10 -3.27 -2.06
N ALA A 268 -20.57 -2.03 -2.07
CA ALA A 268 -19.91 -0.94 -1.35
C ALA A 268 -20.95 -0.03 -0.72
N LEU A 269 -20.62 0.47 0.47
CA LEU A 269 -21.47 1.46 1.13
C LEU A 269 -21.21 2.82 0.52
N ASN A 270 -22.29 3.51 0.13
CA ASN A 270 -22.14 4.80 -0.50
C ASN A 270 -21.72 5.85 0.52
N GLU A 271 -21.29 7.02 0.01
CA GLU A 271 -20.75 8.07 0.87
C GLU A 271 -21.75 8.53 1.91
N ASP A 272 -23.05 8.44 1.61
CA ASP A 272 -24.07 8.83 2.57
C ASP A 272 -24.12 7.90 3.78
N LEU A 273 -23.49 6.73 3.69
CA LEU A 273 -23.50 5.73 4.76
C LEU A 273 -24.92 5.24 5.06
N LYS A 274 -25.78 5.23 4.05
CA LYS A 274 -27.16 4.79 4.22
C LYS A 274 -27.58 3.81 3.13
N THR A 275 -27.07 3.99 1.91
CA THR A 275 -27.43 3.17 0.77
C THR A 275 -26.22 2.41 0.24
N TRP A 276 -26.50 1.37 -0.54
CA TRP A 276 -25.47 0.47 -1.06
C TRP A 276 -25.44 0.52 -2.58
N THR A 277 -24.26 0.24 -3.14
CA THR A 277 -24.07 0.09 -4.58
C THR A 277 -23.61 -1.34 -4.87
N ALA A 278 -24.41 -2.07 -5.65
CA ALA A 278 -24.13 -3.45 -6.00
C ALA A 278 -23.57 -3.53 -7.42
N ALA A 279 -22.63 -4.45 -7.63
CA ALA A 279 -21.86 -4.49 -8.87
C ALA A 279 -22.42 -5.48 -9.90
N ASP A 280 -23.21 -6.45 -9.48
CA ASP A 280 -23.81 -7.40 -10.43
C ASP A 280 -25.08 -7.95 -9.82
N MET A 281 -25.71 -8.91 -10.52
CA MET A 281 -27.00 -9.41 -10.09
C MET A 281 -26.90 -10.21 -8.80
N ALA A 282 -25.78 -10.89 -8.57
CA ALA A 282 -25.61 -11.61 -7.30
C ALA A 282 -25.56 -10.65 -6.12
N ALA A 283 -24.81 -9.55 -6.26
CA ALA A 283 -24.71 -8.57 -5.18
C ALA A 283 -26.01 -7.81 -4.97
N GLN A 284 -26.90 -7.77 -5.98
CA GLN A 284 -28.19 -7.14 -5.78
C GLN A 284 -29.03 -7.90 -4.75
N ILE A 285 -28.89 -9.23 -4.72
CA ILE A 285 -29.58 -10.02 -3.71
C ILE A 285 -29.05 -9.71 -2.32
N THR A 286 -27.73 -9.56 -2.20
CA THR A 286 -27.15 -9.18 -0.91
C THR A 286 -27.61 -7.78 -0.50
N ARG A 287 -27.69 -6.86 -1.45
CA ARG A 287 -28.08 -5.49 -1.12
C ARG A 287 -29.47 -5.46 -0.49
N ARG A 288 -30.45 -6.10 -1.14
CA ARG A 288 -31.80 -6.06 -0.63
C ARG A 288 -31.92 -6.77 0.72
N LYS A 289 -31.12 -7.82 0.94
CA LYS A 289 -31.08 -8.44 2.27
C LYS A 289 -30.55 -7.46 3.30
N TRP A 290 -29.43 -6.80 3.00
CA TRP A 290 -28.84 -5.85 3.93
C TRP A 290 -29.68 -4.58 4.10
N GLU A 291 -30.53 -4.27 3.12
CA GLU A 291 -31.47 -3.17 3.30
C GLU A 291 -32.57 -3.53 4.27
N GLN A 292 -33.10 -4.75 4.17
CA GLN A 292 -34.15 -5.20 5.09
C GLN A 292 -33.67 -5.18 6.54
N SER A 293 -32.38 -5.41 6.76
CA SER A 293 -31.84 -5.60 8.10
C SER A 293 -31.17 -4.35 8.67
N GLY A 294 -31.15 -3.25 7.93
CA GLY A 294 -30.53 -2.04 8.43
C GLY A 294 -29.07 -2.18 8.77
N ALA A 295 -28.31 -2.91 7.94
CA ALA A 295 -26.89 -3.09 8.19
C ALA A 295 -26.12 -1.78 8.06
N ALA A 296 -26.57 -0.90 7.15
CA ALA A 296 -25.89 0.36 6.91
C ALA A 296 -25.76 1.19 8.19
N GLU A 297 -26.79 1.14 9.05
CA GLU A 297 -26.72 1.95 10.26
C GLU A 297 -25.69 1.40 11.23
N HIS A 298 -25.52 0.07 11.27
CA HIS A 298 -24.49 -0.53 12.11
C HIS A 298 -23.10 -0.04 11.72
N TYR A 299 -22.81 0.00 10.41
CA TYR A 299 -21.50 0.46 9.98
C TYR A 299 -21.38 1.97 10.05
N LYS A 300 -22.46 2.70 9.80
CA LYS A 300 -22.44 4.15 9.95
C LYS A 300 -22.04 4.54 11.37
N ALA A 301 -22.55 3.81 12.37
CA ALA A 301 -22.20 4.12 13.76
C ALA A 301 -20.73 3.83 14.05
N TYR A 302 -20.18 2.79 13.43
CA TYR A 302 -18.75 2.49 13.60
C TYR A 302 -17.89 3.57 12.95
N LEU A 303 -18.22 3.94 11.71
CA LEU A 303 -17.40 4.90 10.97
C LEU A 303 -17.44 6.29 11.59
N GLU A 304 -18.63 6.72 12.04
CA GLU A 304 -18.78 8.07 12.58
C GLU A 304 -18.23 8.20 14.00
N GLY A 305 -18.31 7.14 14.80
CA GLY A 305 -17.92 7.25 16.19
C GLY A 305 -16.63 6.53 16.52
N GLU A 306 -16.70 5.20 16.59
CA GLU A 306 -15.56 4.40 17.00
C GLU A 306 -14.34 4.67 16.12
N CYS A 307 -14.53 4.62 14.80
CA CYS A 307 -13.42 4.82 13.87
C CYS A 307 -12.74 6.17 14.12
N VAL A 308 -13.53 7.24 14.20
CA VAL A 308 -12.97 8.58 14.35
C VAL A 308 -12.28 8.73 15.70
N GLU A 309 -12.93 8.26 16.77
CA GLU A 309 -12.43 8.53 18.12
C GLU A 309 -11.13 7.78 18.38
N TRP A 310 -11.03 6.54 17.92
CA TRP A 310 -9.82 5.77 18.20
C TRP A 310 -8.67 6.15 17.27
N LEU A 311 -8.96 6.60 16.05
CA LEU A 311 -7.90 7.17 15.23
C LEU A 311 -7.28 8.38 15.92
N HIS A 312 -8.11 9.23 16.53
CA HIS A 312 -7.60 10.34 17.34
C HIS A 312 -6.60 9.85 18.37
N ARG A 313 -6.96 8.80 19.11
CA ARG A 313 -6.08 8.25 20.13
C ARG A 313 -4.80 7.69 19.50
N TYR A 314 -4.93 6.95 18.40
CA TYR A 314 -3.75 6.41 17.74
C TYR A 314 -2.84 7.53 17.25
N LEU A 315 -3.40 8.60 16.68
CA LEU A 315 -2.59 9.72 16.23
C LEU A 315 -1.86 10.37 17.38
N LYS A 316 -2.50 10.46 18.55
CA LYS A 316 -1.86 11.11 19.69
C LYS A 316 -0.84 10.19 20.37
N ASN A 317 -1.14 8.89 20.47
CA ASN A 317 -0.14 7.97 20.99
C ASN A 317 1.06 7.84 20.07
N GLY A 318 0.84 7.91 18.75
CA GLY A 318 1.92 7.78 17.79
C GLY A 318 2.44 9.09 17.24
N ASN A 319 2.17 10.18 17.96
CA ASN A 319 2.58 11.53 17.59
C ASN A 319 3.98 11.60 17.00
N ALA A 320 4.97 11.08 17.73
CA ALA A 320 6.36 11.22 17.31
C ALA A 320 6.64 10.56 15.96
N THR A 321 5.88 9.51 15.62
CA THR A 321 6.05 8.80 14.37
C THR A 321 5.12 9.32 13.27
N LEU A 322 3.82 9.37 13.57
CA LEU A 322 2.81 9.62 12.53
C LEU A 322 2.74 11.09 12.15
N LEU A 323 3.07 12.00 13.05
CA LEU A 323 2.89 13.42 12.82
C LEU A 323 4.20 14.14 12.49
N ARG A 324 5.28 13.41 12.32
CA ARG A 324 6.55 14.02 11.95
C ARG A 324 6.54 14.43 10.48
N THR A 325 7.54 15.20 10.08
CA THR A 325 7.80 15.49 8.68
C THR A 325 9.28 15.38 8.43
N ASP A 326 9.68 14.55 7.48
CA ASP A 326 11.05 14.45 7.02
C ASP A 326 11.13 15.03 5.62
N SER A 327 11.95 16.06 5.45
CA SER A 327 12.02 16.75 4.19
C SER A 327 12.84 15.95 3.17
N PRO A 328 12.48 16.04 1.89
CA PRO A 328 13.20 15.29 0.86
C PRO A 328 14.54 15.90 0.53
N LYS A 329 15.50 15.03 0.23
CA LYS A 329 16.75 15.42 -0.40
C LYS A 329 16.64 15.12 -1.88
N ALA A 330 16.97 16.10 -2.72
CA ALA A 330 16.68 16.01 -4.15
C ALA A 330 17.93 16.27 -4.98
N HIS A 331 18.00 15.60 -6.14
CA HIS A 331 19.09 15.82 -7.08
C HIS A 331 18.62 15.43 -8.48
N VAL A 332 19.40 15.84 -9.49
CA VAL A 332 19.08 15.61 -10.89
C VAL A 332 20.20 14.81 -11.53
N THR A 333 19.84 13.73 -12.22
CA THR A 333 20.80 12.87 -12.90
C THR A 333 20.68 13.04 -14.41
N HIS A 334 21.73 12.63 -15.12
CA HIS A 334 21.92 12.93 -16.54
C HIS A 334 22.15 11.62 -17.27
N HIS A 335 21.30 11.33 -18.26
CA HIS A 335 21.32 10.04 -18.96
C HIS A 335 21.25 10.25 -20.46
N PRO A 336 22.39 10.33 -21.13
CA PRO A 336 22.38 10.49 -22.59
C PRO A 336 21.73 9.29 -23.27
N ARG A 337 20.95 9.57 -24.32
CA ARG A 337 20.33 8.53 -25.13
C ARG A 337 20.73 8.58 -26.59
N SER A 338 21.30 9.67 -27.08
CA SER A 338 21.82 9.80 -28.43
C SER A 338 22.67 11.06 -28.48
N LYS A 339 23.17 11.39 -29.68
CA LYS A 339 23.94 12.62 -29.84
C LYS A 339 23.07 13.87 -29.78
N GLY A 340 21.75 13.73 -29.78
CA GLY A 340 20.89 14.89 -29.79
C GLY A 340 19.91 14.98 -28.63
N GLU A 341 19.78 13.90 -27.86
CA GLU A 341 18.79 13.86 -26.80
C GLU A 341 19.40 13.26 -25.53
N VAL A 342 18.85 13.69 -24.39
CA VAL A 342 19.28 13.21 -23.08
C VAL A 342 18.04 13.14 -22.18
N THR A 343 18.09 12.24 -21.19
CA THR A 343 17.06 12.15 -20.17
C THR A 343 17.56 12.83 -18.90
N LEU A 344 16.73 13.71 -18.33
CA LEU A 344 16.97 14.29 -17.02
C LEU A 344 15.97 13.71 -16.03
N ARG A 345 16.47 13.19 -14.91
CA ARG A 345 15.64 12.54 -13.91
C ARG A 345 15.78 13.27 -12.59
N CYS A 346 14.65 13.72 -12.04
CA CYS A 346 14.63 14.48 -10.80
C CYS A 346 14.23 13.55 -9.66
N TRP A 347 15.13 13.40 -8.68
CA TRP A 347 14.97 12.45 -7.59
C TRP A 347 14.57 13.15 -6.30
N ALA A 348 13.71 12.52 -5.51
CA ALA A 348 13.38 12.99 -4.17
C ALA A 348 13.42 11.78 -3.23
N LEU A 349 14.28 11.85 -2.21
CA LEU A 349 14.54 10.72 -1.34
C LEU A 349 14.37 11.12 0.12
N GLY A 350 14.10 10.11 0.95
CA GLY A 350 14.10 10.27 2.39
C GLY A 350 13.00 11.14 2.96
N PHE A 351 11.86 11.24 2.28
CA PHE A 351 10.80 12.14 2.75
C PHE A 351 9.67 11.37 3.42
N TYR A 352 9.01 12.03 4.37
CA TYR A 352 7.83 11.56 5.05
C TYR A 352 7.05 12.81 5.45
N PRO A 353 5.72 12.84 5.25
CA PRO A 353 4.87 11.76 4.74
C PRO A 353 5.00 11.56 3.23
N ALA A 354 4.18 10.64 2.69
CA ALA A 354 4.33 10.20 1.32
C ALA A 354 3.85 11.25 0.31
N ASP A 355 2.97 12.16 0.70
CA ASP A 355 2.48 13.18 -0.21
C ASP A 355 3.63 14.06 -0.70
N ILE A 356 3.78 14.18 -2.01
CA ILE A 356 4.84 14.98 -2.60
C ILE A 356 4.45 15.32 -4.02
N THR A 357 4.95 16.45 -4.52
CA THR A 357 4.71 16.87 -5.89
C THR A 357 6.04 17.15 -6.58
N LEU A 358 6.30 16.42 -7.67
CA LEU A 358 7.47 16.63 -8.52
C LEU A 358 7.01 17.13 -9.88
N THR A 359 7.58 18.24 -10.33
CA THR A 359 7.20 18.81 -11.61
C THR A 359 8.42 19.35 -12.33
N TRP A 360 8.40 19.24 -13.65
CA TRP A 360 9.42 19.79 -14.53
C TRP A 360 8.87 21.02 -15.25
N GLN A 361 9.75 21.98 -15.50
CA GLN A 361 9.37 23.22 -16.16
C GLN A 361 10.39 23.55 -17.24
N LEU A 362 9.90 24.17 -18.32
CA LEU A 362 10.75 24.65 -19.41
C LEU A 362 10.58 26.16 -19.51
N ASN A 363 11.58 26.89 -19.03
CA ASN A 363 11.57 28.36 -19.04
C ASN A 363 10.39 28.92 -18.27
N GLY A 364 9.99 28.26 -17.18
CA GLY A 364 8.96 28.76 -16.30
C GLY A 364 7.62 28.06 -16.41
N GLU A 365 7.30 27.49 -17.58
CA GLU A 365 6.03 26.81 -17.78
C GLU A 365 6.22 25.30 -17.57
N GLU A 366 5.20 24.66 -17.01
CA GLU A 366 5.31 23.29 -16.54
C GLU A 366 5.06 22.28 -17.67
N LEU A 367 5.70 21.13 -17.55
CA LEU A 367 5.69 20.09 -18.57
C LEU A 367 5.03 18.82 -18.06
N THR A 368 3.91 18.96 -17.33
CA THR A 368 3.30 17.80 -16.70
C THR A 368 2.80 16.79 -17.72
N GLN A 369 2.35 17.25 -18.88
CA GLN A 369 1.74 16.33 -19.84
C GLN A 369 2.78 15.44 -20.51
N ASP A 370 3.95 15.97 -20.82
CA ASP A 370 5.02 15.21 -21.45
C ASP A 370 6.14 14.99 -20.43
N MET A 371 5.82 14.20 -19.40
CA MET A 371 6.72 13.93 -18.29
C MET A 371 6.48 12.51 -17.83
N GLU A 372 7.56 11.82 -17.46
CA GLU A 372 7.49 10.44 -17.00
C GLU A 372 7.73 10.39 -15.50
N LEU A 373 6.80 9.78 -14.77
CA LEU A 373 6.86 9.69 -13.32
C LEU A 373 6.86 8.23 -12.88
N VAL A 374 7.10 8.03 -11.60
CA VAL A 374 7.00 6.73 -10.95
C VAL A 374 6.15 6.89 -9.70
N GLU A 375 5.36 5.86 -9.40
CA GLU A 375 4.55 5.88 -8.19
C GLU A 375 5.45 6.06 -6.97
N THR A 376 5.03 6.94 -6.06
CA THR A 376 5.73 7.08 -4.79
C THR A 376 5.88 5.73 -4.13
N ARG A 377 7.11 5.40 -3.73
CA ARG A 377 7.41 4.06 -3.28
C ARG A 377 8.09 4.09 -1.92
N PRO A 378 7.83 3.09 -1.08
CA PRO A 378 8.50 3.03 0.23
C PRO A 378 9.92 2.54 0.06
N ALA A 379 10.83 3.13 0.84
CA ALA A 379 12.25 2.83 0.72
C ALA A 379 12.75 1.91 1.84
N GLY A 380 11.84 1.34 2.63
CA GLY A 380 12.18 0.29 3.57
C GLY A 380 12.52 0.71 4.97
N ASP A 381 12.50 2.02 5.28
CA ASP A 381 12.83 2.50 6.62
C ASP A 381 11.80 3.46 7.18
N GLY A 382 10.63 3.57 6.57
CA GLY A 382 9.62 4.53 6.97
C GLY A 382 9.56 5.75 6.09
N THR A 383 10.55 5.96 5.23
CA THR A 383 10.58 7.08 4.29
C THR A 383 10.21 6.60 2.89
N PHE A 384 10.09 7.56 1.97
CA PHE A 384 9.56 7.27 0.64
C PHE A 384 10.48 7.88 -0.41
N GLN A 385 10.23 7.49 -1.67
CA GLN A 385 11.01 7.98 -2.81
C GLN A 385 10.09 8.26 -3.97
N LYS A 386 10.56 9.10 -4.88
CA LYS A 386 9.86 9.38 -6.14
C LYS A 386 10.86 10.01 -7.10
N TRP A 387 10.66 9.77 -8.40
CA TRP A 387 11.42 10.49 -9.41
C TRP A 387 10.52 10.82 -10.59
N ALA A 388 10.90 11.89 -11.30
CA ALA A 388 10.22 12.33 -12.50
C ALA A 388 11.27 12.68 -13.55
N SER A 389 11.00 12.31 -14.80
CA SER A 389 11.98 12.49 -15.87
C SER A 389 11.34 13.17 -17.06
N VAL A 390 12.20 13.84 -17.85
CA VAL A 390 11.84 14.40 -19.15
C VAL A 390 12.97 14.11 -20.13
N VAL A 391 12.61 14.07 -21.41
CA VAL A 391 13.59 13.96 -22.50
C VAL A 391 13.76 15.35 -23.10
N VAL A 392 15.01 15.82 -23.14
CA VAL A 392 15.30 17.17 -23.64
C VAL A 392 16.40 17.06 -24.69
N PRO A 393 16.49 18.05 -25.59
CA PRO A 393 17.56 18.03 -26.59
C PRO A 393 18.91 18.37 -25.94
N LEU A 394 19.93 17.59 -26.31
CA LEU A 394 21.28 17.80 -25.81
C LEU A 394 21.73 19.23 -26.09
N GLY A 395 22.25 19.89 -25.05
CA GLY A 395 22.68 21.27 -25.15
C GLY A 395 21.71 22.28 -24.58
N LYS A 396 20.50 21.85 -24.22
CA LYS A 396 19.49 22.73 -23.65
C LYS A 396 19.09 22.30 -22.25
N GLU A 397 19.93 21.49 -21.57
CA GLU A 397 19.57 20.98 -20.26
C GLU A 397 19.35 22.08 -19.24
N GLN A 398 20.06 23.21 -19.40
CA GLN A 398 20.03 24.28 -18.42
C GLN A 398 18.74 25.10 -18.44
N ASN A 399 17.92 24.97 -19.48
CA ASN A 399 16.64 25.67 -19.52
C ASN A 399 15.51 24.90 -18.85
N TYR A 400 15.78 23.71 -18.35
CA TYR A 400 14.78 22.88 -17.70
C TYR A 400 15.03 22.87 -16.20
N THR A 401 13.97 23.06 -15.42
CA THR A 401 14.08 23.08 -13.96
C THR A 401 13.09 22.10 -13.35
N CYS A 402 13.50 21.50 -12.23
CA CYS A 402 12.65 20.62 -11.45
C CYS A 402 12.27 21.32 -10.15
N ARG A 403 11.00 21.19 -9.76
CA ARG A 403 10.48 21.81 -8.56
C ARG A 403 9.87 20.74 -7.67
N VAL A 404 10.21 20.78 -6.38
CA VAL A 404 9.79 19.78 -5.41
C VAL A 404 8.92 20.46 -4.36
N TYR A 405 7.69 19.97 -4.18
CA TYR A 405 6.75 20.51 -3.20
C TYR A 405 6.52 19.45 -2.13
N HIS A 406 6.82 19.80 -0.88
CA HIS A 406 6.64 18.89 0.24
C HIS A 406 6.39 19.72 1.50
N GLU A 407 5.48 19.23 2.35
CA GLU A 407 5.13 19.97 3.56
C GLU A 407 6.31 20.12 4.51
N GLY A 408 7.31 19.24 4.41
CA GLY A 408 8.52 19.39 5.21
C GLY A 408 9.50 20.42 4.68
N LEU A 409 9.19 21.08 3.57
CA LEU A 409 10.07 22.07 2.98
C LEU A 409 9.54 23.46 3.25
N PRO A 410 10.31 24.36 3.88
CA PRO A 410 9.81 25.72 4.12
C PRO A 410 9.45 26.45 2.84
N GLU A 411 10.23 26.27 1.77
CA GLU A 411 9.90 26.74 0.43
C GLU A 411 10.14 25.60 -0.55
N PRO A 412 9.46 25.62 -1.70
CA PRO A 412 9.71 24.59 -2.71
C PRO A 412 11.15 24.62 -3.19
N LEU A 413 11.66 23.43 -3.51
CA LEU A 413 13.01 23.30 -4.04
C LEU A 413 13.01 23.52 -5.55
N THR A 414 13.96 24.31 -6.03
CA THR A 414 14.20 24.47 -7.45
C THR A 414 15.62 24.03 -7.74
N LEU A 415 15.79 23.13 -8.71
CA LEU A 415 17.12 22.63 -9.03
C LEU A 415 17.15 22.20 -10.49
N ARG A 416 18.36 22.23 -11.06
CA ARG A 416 18.55 21.89 -12.46
C ARG A 416 19.86 21.11 -12.61
N TRP A 417 20.00 20.44 -13.75
CA TRP A 417 21.15 19.57 -13.99
C TRP A 417 22.45 20.35 -13.85
N GLU A 418 23.38 19.78 -13.08
CA GLU A 418 24.69 20.38 -12.88
C GLU A 418 25.72 19.63 -13.70
N PRO A 419 26.38 20.27 -14.68
CA PRO A 419 27.42 19.69 -15.54
C PRO A 419 28.51 18.94 -14.78
C1 NAG B . 3.01 16.11 19.69
C2 NAG B . 1.84 17.09 19.92
C3 NAG B . 2.36 18.49 20.24
C4 NAG B . 3.34 18.44 21.41
C5 NAG B . 4.47 17.48 21.08
C6 NAG B . 5.45 17.32 22.21
C7 NAG B . -0.29 16.66 18.76
C8 NAG B . -1.06 16.82 17.48
N2 NAG B . 0.95 17.14 18.76
O3 NAG B . 1.27 19.35 20.55
O4 NAG B . 3.87 19.74 21.67
O5 NAG B . 3.93 16.18 20.81
O6 NAG B . 5.00 16.37 23.18
O7 NAG B . -0.78 16.11 19.75
C1 NAG C . 17.43 29.48 -21.93
C2 NAG C . 16.76 30.84 -21.75
C3 NAG C . 17.63 31.93 -22.35
C4 NAG C . 18.98 31.93 -21.64
C5 NAG C . 19.64 30.54 -21.70
C6 NAG C . 20.84 30.44 -20.79
C7 NAG C . 15.10 30.84 -23.59
C8 NAG C . 13.64 30.93 -23.92
N2 NAG C . 15.41 30.89 -22.29
O3 NAG C . 17.00 33.20 -22.22
O4 NAG C . 19.86 32.89 -22.23
O5 NAG C . 18.73 29.50 -21.29
O6 NAG C . 20.62 31.13 -19.58
O7 NAG C . 15.95 30.72 -24.47
#